data_6F1Y
#
_entry.id   6F1Y
#
_cell.length_a   1.000
_cell.length_b   1.000
_cell.length_c   1.000
_cell.angle_alpha   90.00
_cell.angle_beta   90.00
_cell.angle_gamma   90.00
#
_symmetry.space_group_name_H-M   'P 1'
#
loop_
_entity.id
_entity.type
_entity.pdbx_description
1 polymer 'Cytoplasmic dynein 1 heavy chain 1,Dynein heavy chain'
2 polymer 'Cytoplasmic dynein 1 light intermediate chain 2'
#
loop_
_entity_poly.entity_id
_entity_poly.type
_entity_poly.pdbx_seq_one_letter_code
_entity_poly.pdbx_strand_id
1 'polypeptide(L)'
;SLIESVRTYERTCEKVEERNTISLLVAGLKKEVQALIAEGIALVWESYKLDPYVQRLAETVFNFQEKVDDLLIIEEKIDL
EVRSLETCMYDHKTFSEILNRVQKAVDDLNLHSYSNLPIWVNKLDMEIERILGVRLQAGLRAWTQVLL(UNK)(UNK)
(UNK)(UNK)(UNK)(UNK)(UNK)(UNK)(UNK)(UNK)(UNK)(UNK)(UNK)(UNK)(UNK)(UNK)(UNK)(UNK)
(UNK)(UNK)(UNK)(UNK)(UNK)(UNK)(UNK)(UNK)(UNK)(UNK)(UNK)(UNK)(UNK)(UNK)(UNK)(UNK)
(UNK)(UNK)(UNK)(UNK)(UNK)(UNK)(UNK)(UNK)(UNK)(UNK)(UNK)(UNK)(UNK)(UNK)(UNK)(UNK)
(UNK)(UNK)(UNK)(UNK)(UNK)(UNK)(UNK)(UNK)(UNK)(UNK)(UNK)(UNK)(UNK)(UNK)(UNK)(UNK)
(UNK)(UNK)(UNK)(UNK)(UNK)(UNK)(UNK)(UNK)(UNK)(UNK)(UNK)(UNK)(UNK)(UNK)(UNK)(UNK)
(UNK)(UNK)(UNK)(UNK)(UNK)(UNK)(UNK)(UNK)(UNK)(UNK)(UNK)(UNK)(UNK)(UNK)(UNK)(UNK)
(UNK)(UNK)(UNK)(UNK)(UNK)(UNK)(UNK)(UNK)(UNK)(UNK)(UNK)LEESYSAVMGIVSEVEQYVKV
(UNK)(UNK)(UNK)(UNK)(UNK)(UNK)(UNK)(UNK)(UNK)(UNK)(UNK)(UNK)(UNK)(UNK)(UNK)(UNK)
(UNK)(UNK)(UNK)(UNK)(UNK)(UNK)(UNK)(UNK)(UNK)(UNK)(UNK)(UNK)(UNK)(UNK)(UNK)(UNK)
(UNK)(UNK)(UNK)(UNK)(UNK)(UNK)(UNK)(UNK)(UNK)(UNK)(UNK)(UNK)(UNK)(UNK)(UNK)(UNK)
(UNK)(UNK)
;
f
2 'polypeptide(L)'
;SSILSEVSTRARSKLPSGKNILVFGEDGSGKTTLMTKLQGAEHGKKGRGLEYLYLSVHDEDRDDHTRCNVWILDGDLYHK
GLLKFAVSAESLPETLVIFVADMSRPWTVMESLQKWASVLREHIDKMKIPPEKMRELERKFVKDFQDYMEPEEGCQGSPQ
RRGPLTSGSDEENVALPLGDNVLTHNLGIPVLVVCTKCDAVSVLEKEHDYRDEHLDFIQSHLRRFCLQYGAALIYTSVKE
EKNLDLLYKYIVHKTYGFHFTTPALVVEKDAVFIPAGWDNEKKIAILHENFTTVKPEDAYEDFIVKPPVRKLVHDKELAA
EDEQVFLMKQQSLLAKQ
;
j
#
# COMPACT_ATOMS: atom_id res chain seq x y z
N SER A 1 17.29 42.64 45.05
CA SER A 1 16.89 41.33 44.58
C SER A 1 15.70 41.41 43.65
N LEU A 2 14.71 42.22 44.04
CA LEU A 2 13.51 42.39 43.22
C LEU A 2 13.85 43.01 41.88
N ILE A 3 14.69 44.05 41.89
CA ILE A 3 15.08 44.75 40.68
C ILE A 3 15.85 43.84 39.74
N GLU A 4 16.78 43.04 40.28
CA GLU A 4 17.50 42.13 39.40
C GLU A 4 16.59 41.04 38.86
N SER A 5 15.61 40.61 39.65
CA SER A 5 14.67 39.61 39.18
C SER A 5 13.85 40.16 38.02
N VAL A 6 13.43 41.41 38.14
CA VAL A 6 12.67 42.08 37.09
C VAL A 6 13.50 42.20 35.83
N ARG A 7 14.76 42.62 35.99
CA ARG A 7 15.65 42.78 34.83
C ARG A 7 15.92 41.46 34.13
N THR A 8 16.13 40.39 34.90
CA THR A 8 16.35 39.09 34.31
C THR A 8 15.08 38.61 33.62
N TYR A 9 13.93 38.93 34.20
CA TYR A 9 12.65 38.58 33.61
C TYR A 9 12.47 39.25 32.27
N GLU A 10 12.81 40.53 32.20
CA GLU A 10 12.70 41.27 30.96
C GLU A 10 13.65 40.74 29.91
N ARG A 11 14.88 40.40 30.33
CA ARG A 11 15.87 39.88 29.39
C ARG A 11 15.41 38.55 28.81
N THR A 12 14.84 37.70 29.66
CA THR A 12 14.34 36.42 29.20
C THR A 12 13.16 36.60 28.26
N CYS A 13 12.27 37.55 28.55
CA CYS A 13 11.13 37.78 27.67
C CYS A 13 11.60 38.28 26.32
N GLU A 14 12.69 39.06 26.31
CA GLU A 14 13.27 39.52 25.06
C GLU A 14 13.77 38.34 24.24
N LYS A 15 14.51 37.43 24.90
CA LYS A 15 15.03 36.26 24.21
C LYS A 15 13.92 35.34 23.72
N VAL A 16 12.88 35.15 24.56
CA VAL A 16 11.78 34.26 24.23
C VAL A 16 10.98 34.79 23.05
N GLU A 17 10.51 36.04 23.13
CA GLU A 17 9.73 36.54 22.01
C GLU A 17 10.57 36.86 20.79
N GLU A 18 11.91 36.86 20.89
CA GLU A 18 12.68 37.01 19.67
C GLU A 18 12.66 35.71 18.88
N ARG A 19 12.22 34.63 19.51
CA ARG A 19 12.01 33.31 18.96
C ARG A 19 10.51 33.06 18.89
N ASN A 20 10.12 32.04 18.18
CA ASN A 20 8.69 31.82 18.10
C ASN A 20 8.28 30.39 18.43
N THR A 21 9.09 29.41 18.06
CA THR A 21 8.80 28.01 18.33
C THR A 21 8.80 27.74 19.82
N ILE A 22 9.78 28.30 20.50
CA ILE A 22 10.05 28.19 21.93
C ILE A 22 8.85 28.52 22.80
N SER A 23 8.01 29.47 22.36
CA SER A 23 6.83 29.91 23.11
C SER A 23 5.88 28.75 23.44
N LEU A 24 5.73 27.80 22.51
CA LEU A 24 4.87 26.63 22.71
C LEU A 24 5.24 25.82 23.92
N LEU A 25 6.53 25.63 24.13
CA LEU A 25 7.06 24.81 25.20
C LEU A 25 7.29 25.58 26.47
N VAL A 26 7.60 26.86 26.35
CA VAL A 26 7.88 27.69 27.50
C VAL A 26 6.62 28.20 28.17
N ALA A 27 5.51 28.22 27.43
CA ALA A 27 4.17 28.67 27.83
C ALA A 27 3.79 28.41 29.29
N GLY A 28 4.03 27.19 29.76
CA GLY A 28 3.71 26.85 31.14
C GLY A 28 4.57 27.60 32.13
N LEU A 29 5.90 27.54 31.96
CA LEU A 29 6.81 28.25 32.87
C LEU A 29 6.64 29.75 32.79
N LYS A 30 6.34 30.26 31.60
CA LYS A 30 6.13 31.68 31.44
C LYS A 30 4.88 32.10 32.19
N LYS A 31 3.85 31.25 32.18
CA LYS A 31 2.65 31.55 32.94
C LYS A 31 2.95 31.45 34.44
N GLU A 32 3.84 30.53 34.83
CA GLU A 32 4.22 30.38 36.24
C GLU A 32 4.89 31.64 36.75
N VAL A 33 5.85 32.13 35.96
CA VAL A 33 6.58 33.34 36.29
C VAL A 33 5.62 34.51 36.40
N GLN A 34 4.71 34.63 35.43
CA GLN A 34 3.73 35.70 35.49
C GLN A 34 2.71 35.51 36.60
N ALA A 35 2.51 34.27 37.05
CA ALA A 35 1.60 34.04 38.15
C ALA A 35 2.19 34.63 39.42
N LEU A 36 3.46 34.35 39.68
CA LEU A 36 4.08 34.96 40.84
C LEU A 36 4.29 36.44 40.64
N ILE A 37 4.47 36.89 39.39
CA ILE A 37 4.62 38.32 39.14
C ILE A 37 3.32 39.03 39.45
N ALA A 38 2.20 38.40 39.12
CA ALA A 38 0.90 38.98 39.43
C ALA A 38 0.67 39.00 40.93
N GLU A 39 1.10 37.93 41.61
CA GLU A 39 0.96 37.90 43.07
C GLU A 39 1.92 38.85 43.75
N GLY A 40 2.99 39.25 43.08
CA GLY A 40 3.93 40.17 43.66
C GLY A 40 3.49 41.59 43.43
N ILE A 41 2.94 41.86 42.24
CA ILE A 41 2.49 43.21 41.91
C ILE A 41 1.25 43.58 42.70
N ALA A 42 0.28 42.64 42.76
CA ALA A 42 -1.00 42.82 43.45
C ALA A 42 -0.84 43.37 44.85
N LEU A 43 0.17 42.91 45.56
CA LEU A 43 0.47 43.43 46.87
C LEU A 43 1.57 44.46 46.75
N VAL A 44 1.50 45.45 47.61
CA VAL A 44 2.50 46.49 47.73
C VAL A 44 2.67 46.68 49.22
N TRP A 45 3.92 46.63 49.68
CA TRP A 45 4.27 46.74 51.08
C TRP A 45 3.70 45.64 51.98
N GLU A 46 4.33 44.47 52.00
CA GLU A 46 3.89 43.40 52.89
C GLU A 46 5.02 43.26 53.90
N SER A 47 4.94 44.08 54.96
CA SER A 47 5.94 44.10 56.04
C SER A 47 6.14 42.76 56.69
N TYR A 48 5.12 41.92 56.70
CA TYR A 48 5.24 40.61 57.30
C TYR A 48 5.78 39.59 56.29
N LYS A 49 5.06 39.36 55.21
CA LYS A 49 5.48 38.39 54.20
C LYS A 49 6.23 39.07 53.07
N LEU A 50 7.53 39.21 53.21
CA LEU A 50 8.29 39.83 52.13
C LEU A 50 9.40 38.92 51.64
N ASP A 51 10.28 38.53 52.55
CA ASP A 51 11.42 37.65 52.30
C ASP A 51 11.08 36.35 51.58
N PRO A 52 10.02 35.59 51.95
CA PRO A 52 9.75 34.39 51.17
C PRO A 52 9.34 34.69 49.75
N TYR A 53 8.64 35.81 49.51
CA TYR A 53 8.26 36.13 48.14
C TYR A 53 9.49 36.45 47.33
N VAL A 54 10.42 37.18 47.94
CA VAL A 54 11.67 37.55 47.28
C VAL A 54 12.44 36.31 46.86
N GLN A 55 12.56 35.36 47.77
CA GLN A 55 13.30 34.13 47.50
C GLN A 55 12.59 33.28 46.45
N ARG A 56 11.25 33.20 46.54
CA ARG A 56 10.45 32.46 45.55
C ARG A 56 10.67 33.06 44.18
N LEU A 57 10.63 34.38 44.11
CA LEU A 57 10.84 35.14 42.88
C LEU A 57 12.18 34.84 42.25
N ALA A 58 13.24 34.95 43.05
CA ALA A 58 14.60 34.71 42.58
C ALA A 58 14.75 33.31 42.01
N GLU A 59 14.21 32.31 42.70
CA GLU A 59 14.34 30.96 42.17
C GLU A 59 13.49 30.73 40.93
N THR A 60 12.31 31.33 40.85
CA THR A 60 11.46 31.12 39.67
C THR A 60 12.11 31.69 38.43
N VAL A 61 12.58 32.94 38.52
CA VAL A 61 13.24 33.54 37.37
C VAL A 61 14.56 32.85 37.10
N PHE A 62 15.22 32.33 38.14
CA PHE A 62 16.47 31.63 37.98
C PHE A 62 16.28 30.35 37.18
N ASN A 63 15.26 29.56 37.57
CA ASN A 63 14.89 28.34 36.86
C ASN A 63 14.57 28.67 35.43
N PHE A 64 13.60 29.55 35.25
CA PHE A 64 13.11 30.09 34.00
C PHE A 64 14.22 30.45 33.02
N GLN A 65 15.22 31.16 33.53
CA GLN A 65 16.37 31.54 32.74
C GLN A 65 17.18 30.31 32.33
N GLU A 66 17.40 29.38 33.28
CA GLU A 66 18.13 28.16 32.96
C GLU A 66 17.39 27.33 31.93
N LYS A 67 16.06 27.34 32.00
CA LYS A 67 15.25 26.57 31.07
C LYS A 67 15.36 27.16 29.68
N VAL A 68 15.33 28.48 29.56
CA VAL A 68 15.44 29.11 28.25
C VAL A 68 16.81 28.82 27.64
N ASP A 69 17.87 28.95 28.46
CA ASP A 69 19.23 28.70 28.00
C ASP A 69 19.38 27.25 27.55
N ASP A 70 18.90 26.34 28.39
CA ASP A 70 18.93 24.92 28.15
C ASP A 70 18.23 24.58 26.86
N LEU A 71 17.00 25.08 26.71
CA LEU A 71 16.20 24.85 25.52
C LEU A 71 16.85 25.39 24.27
N LEU A 72 17.48 26.54 24.39
CA LEU A 72 18.15 27.14 23.24
C LEU A 72 19.23 26.21 22.72
N ILE A 73 20.06 25.72 23.64
CA ILE A 73 21.13 24.79 23.27
C ILE A 73 20.57 23.52 22.63
N ILE A 74 19.52 22.97 23.24
CA ILE A 74 18.85 21.77 22.75
C ILE A 74 18.36 21.97 21.33
N GLU A 75 17.66 23.08 21.11
CA GLU A 75 17.11 23.40 19.80
C GLU A 75 18.18 23.54 18.76
N GLU A 76 19.33 24.10 19.12
CA GLU A 76 20.31 24.25 18.05
C GLU A 76 20.92 22.91 17.70
N LYS A 77 21.02 21.98 18.66
CA LYS A 77 21.51 20.65 18.30
C LYS A 77 20.51 19.97 17.37
N ILE A 78 19.21 20.13 17.70
CA ILE A 78 18.11 19.59 16.90
C ILE A 78 18.21 20.10 15.48
N ASP A 79 18.31 21.41 15.36
CA ASP A 79 18.35 22.05 14.06
C ASP A 79 19.61 21.70 13.29
N LEU A 80 20.74 21.42 13.96
CA LEU A 80 21.88 21.02 13.16
C LEU A 80 21.61 19.66 12.53
N GLU A 81 20.86 18.82 13.25
CA GLU A 81 20.48 17.54 12.67
C GLU A 81 19.45 17.72 11.55
N VAL A 82 18.41 18.52 11.85
CA VAL A 82 17.33 18.79 10.92
C VAL A 82 17.85 19.42 9.63
N ARG A 83 18.64 20.49 9.76
CA ARG A 83 19.24 21.14 8.62
C ARG A 83 20.31 20.26 7.98
N SER A 84 20.77 19.21 8.68
CA SER A 84 21.73 18.30 8.08
C SER A 84 21.04 17.10 7.48
N LEU A 85 19.71 17.04 7.51
CA LEU A 85 19.02 15.90 6.91
C LEU A 85 19.16 15.78 5.40
N GLU A 86 19.68 16.80 4.73
CA GLU A 86 19.91 16.75 3.29
C GLU A 86 21.40 16.63 3.00
N THR A 87 22.21 16.33 4.01
CA THR A 87 23.66 16.22 3.86
C THR A 87 24.15 14.80 3.61
N CYS A 88 23.95 13.88 4.55
CA CYS A 88 24.46 12.52 4.35
C CYS A 88 23.60 11.84 3.30
N MET A 89 24.05 11.91 2.06
CA MET A 89 23.27 11.37 0.95
C MET A 89 23.12 9.85 0.95
N TYR A 90 21.85 9.45 1.08
CA TYR A 90 21.30 8.11 0.99
C TYR A 90 22.04 7.04 1.82
N ASP A 91 21.91 7.18 3.13
CA ASP A 91 22.49 6.24 4.07
C ASP A 91 21.51 6.11 5.24
N HIS A 92 20.77 5.00 5.25
CA HIS A 92 19.76 4.76 6.27
C HIS A 92 20.31 4.67 7.67
N LYS A 93 21.53 4.14 7.81
CA LYS A 93 22.16 4.04 9.12
C LYS A 93 22.38 5.42 9.72
N THR A 94 22.94 6.32 8.92
CA THR A 94 23.20 7.68 9.36
C THR A 94 21.91 8.42 9.66
N PHE A 95 20.87 8.17 8.84
CA PHE A 95 19.57 8.78 9.05
C PHE A 95 19.03 8.39 10.42
N SER A 96 19.07 7.08 10.69
CA SER A 96 18.65 6.50 11.95
C SER A 96 19.38 7.13 13.12
N GLU A 97 20.70 7.25 12.98
CA GLU A 97 21.55 7.86 14.00
C GLU A 97 21.10 9.28 14.34
N ILE A 98 20.86 10.08 13.29
CA ILE A 98 20.41 11.45 13.44
C ILE A 98 19.13 11.51 14.26
N LEU A 99 18.15 10.71 13.84
CA LEU A 99 16.85 10.66 14.50
C LEU A 99 16.96 10.27 15.97
N ASN A 100 17.83 9.29 16.25
CA ASN A 100 18.02 8.83 17.62
C ASN A 100 18.56 9.95 18.49
N ARG A 101 19.56 10.67 17.96
CA ARG A 101 20.13 11.79 18.71
C ARG A 101 19.08 12.87 19.00
N VAL A 102 18.27 13.16 17.99
CA VAL A 102 17.21 14.15 18.13
C VAL A 102 16.22 13.73 19.21
N GLN A 103 15.82 12.46 19.21
CA GLN A 103 14.88 12.15 20.27
C GLN A 103 15.55 11.96 21.63
N LYS A 104 16.88 11.84 21.68
CA LYS A 104 17.52 11.80 22.99
C LYS A 104 17.31 13.18 23.60
N ALA A 105 17.46 14.20 22.75
CA ALA A 105 17.16 15.56 23.18
C ALA A 105 15.69 15.69 23.54
N VAL A 106 14.83 14.92 22.87
CA VAL A 106 13.40 14.96 23.19
C VAL A 106 13.12 14.38 24.56
N ASP A 107 13.84 13.33 24.99
CA ASP A 107 13.58 12.85 26.35
C ASP A 107 14.10 13.86 27.35
N ASP A 108 15.16 14.60 26.98
CA ASP A 108 15.67 15.66 27.85
C ASP A 108 14.59 16.71 28.04
N LEU A 109 13.85 16.94 26.97
CA LEU A 109 12.71 17.85 27.01
C LEU A 109 11.58 17.27 27.83
N ASN A 110 11.45 15.95 27.83
CA ASN A 110 10.37 15.29 28.56
C ASN A 110 10.54 15.37 30.05
N LEU A 111 11.76 15.13 30.54
CA LEU A 111 12.05 15.12 31.98
C LEU A 111 11.68 16.43 32.62
N HIS A 112 12.39 17.49 32.28
CA HIS A 112 12.03 18.81 32.77
C HIS A 112 10.98 19.12 31.74
N SER A 113 9.74 18.71 32.02
CA SER A 113 8.68 18.84 31.05
C SER A 113 8.41 20.27 30.69
N TYR A 114 8.41 20.53 29.41
CA TYR A 114 8.09 21.87 28.94
C TYR A 114 6.58 21.87 28.76
N SER A 115 6.00 22.83 28.04
CA SER A 115 4.55 22.83 28.03
C SER A 115 3.83 21.85 27.11
N ASN A 116 3.90 22.08 25.80
CA ASN A 116 3.13 21.28 24.86
C ASN A 116 3.99 20.47 23.92
N LEU A 117 5.06 19.89 24.43
CA LEU A 117 6.06 19.09 23.74
C LEU A 117 5.59 18.19 22.58
N PRO A 118 4.53 17.36 22.71
CA PRO A 118 4.14 16.54 21.54
C PRO A 118 3.64 17.36 20.37
N ILE A 119 3.03 18.51 20.62
CA ILE A 119 2.53 19.38 19.56
C ILE A 119 3.68 19.89 18.72
N TRP A 120 4.71 20.36 19.39
CA TRP A 120 5.90 20.83 18.71
C TRP A 120 6.60 19.69 17.99
N VAL A 121 6.50 18.48 18.55
CA VAL A 121 7.06 17.31 17.90
C VAL A 121 6.29 16.99 16.62
N ASN A 122 4.97 17.24 16.62
CA ASN A 122 4.16 17.02 15.42
C ASN A 122 4.66 17.89 14.31
N LYS A 123 4.93 19.15 14.66
CA LYS A 123 5.46 20.11 13.70
C LYS A 123 6.75 19.61 13.10
N LEU A 124 7.72 19.30 13.98
CA LEU A 124 9.02 18.73 13.64
C LEU A 124 8.89 17.63 12.62
N ASP A 125 8.18 16.57 13.04
CA ASP A 125 7.93 15.38 12.23
C ASP A 125 7.37 15.69 10.87
N MET A 126 6.48 16.69 10.77
CA MET A 126 5.95 17.04 9.45
C MET A 126 7.06 17.60 8.55
N GLU A 127 7.88 18.50 9.11
CA GLU A 127 8.96 19.03 8.25
C GLU A 127 10.03 17.97 8.02
N ILE A 128 10.21 17.06 8.98
CA ILE A 128 11.19 15.99 8.81
C ILE A 128 10.73 15.08 7.69
N GLU A 129 9.43 14.80 7.65
CA GLU A 129 8.82 14.01 6.58
C GLU A 129 9.07 14.66 5.24
N ARG A 130 8.97 15.99 5.20
CA ARG A 130 9.17 16.68 3.93
C ARG A 130 10.63 16.63 3.49
N ILE A 131 11.58 16.84 4.43
CA ILE A 131 12.99 16.76 4.05
C ILE A 131 13.34 15.35 3.63
N LEU A 132 12.75 14.37 4.32
CA LEU A 132 12.94 12.95 4.04
C LEU A 132 12.43 12.59 2.66
N GLY A 133 11.15 12.84 2.42
CA GLY A 133 10.54 12.54 1.14
C GLY A 133 11.19 13.27 0.00
N VAL A 134 11.69 14.48 0.26
CA VAL A 134 12.38 15.25 -0.78
C VAL A 134 13.72 14.60 -1.11
N ARG A 135 14.50 14.22 -0.07
CA ARG A 135 15.77 13.54 -0.33
C ARG A 135 15.50 12.21 -1.01
N LEU A 136 14.39 11.58 -0.61
CA LEU A 136 13.98 10.31 -1.17
C LEU A 136 13.73 10.45 -2.66
N GLN A 137 12.74 11.26 -3.06
CA GLN A 137 12.39 11.45 -4.47
C GLN A 137 13.58 11.87 -5.32
N ALA A 138 14.50 12.67 -4.75
CA ALA A 138 15.70 13.04 -5.50
C ALA A 138 16.54 11.80 -5.77
N GLY A 139 16.79 11.02 -4.71
CA GLY A 139 17.54 9.79 -4.88
C GLY A 139 16.78 8.77 -5.69
N LEU A 140 15.44 8.83 -5.65
CA LEU A 140 14.61 7.91 -6.41
C LEU A 140 14.85 8.10 -7.89
N ARG A 141 14.81 9.36 -8.34
CA ARG A 141 15.06 9.67 -9.74
C ARG A 141 16.46 9.25 -10.16
N ALA A 142 17.46 9.61 -9.34
CA ALA A 142 18.85 9.24 -9.63
C ALA A 142 19.02 7.72 -9.69
N TRP A 143 18.35 7.01 -8.79
CA TRP A 143 18.44 5.56 -8.83
C TRP A 143 17.64 5.00 -9.99
N THR A 144 16.67 5.75 -10.56
CA THR A 144 16.00 5.25 -11.75
C THR A 144 16.99 5.26 -12.90
N GLN A 145 17.85 6.30 -12.94
CA GLN A 145 18.85 6.32 -14.00
C GLN A 145 19.93 5.27 -13.77
N VAL A 146 20.19 4.91 -12.51
CA VAL A 146 21.17 3.86 -12.27
C VAL A 146 20.58 2.52 -12.68
N LEU A 147 19.32 2.29 -12.31
CA LEU A 147 18.56 1.07 -12.61
C LEU A 147 18.16 0.96 -14.08
N LEU A 148 18.54 1.91 -14.93
CA LEU A 148 18.21 1.87 -16.36
C LEU A 148 18.85 0.67 -17.04
N UNK A 197 11.16 -29.98 -36.42
CA UNK A 197 9.75 -30.04 -36.03
C UNK A 197 9.54 -29.35 -34.69
N UNK A 198 9.35 -30.14 -33.63
CA UNK A 198 9.13 -29.59 -32.29
C UNK A 198 10.35 -28.82 -31.80
N UNK A 199 11.55 -29.36 -32.06
CA UNK A 199 12.78 -28.70 -31.65
C UNK A 199 12.95 -27.35 -32.35
N UNK A 200 12.59 -27.31 -33.65
CA UNK A 200 12.67 -26.08 -34.42
C UNK A 200 11.73 -25.02 -33.87
N UNK A 201 10.54 -25.44 -33.45
CA UNK A 201 9.55 -24.53 -32.88
C UNK A 201 10.06 -23.89 -31.59
N UNK A 202 10.74 -24.71 -30.76
CA UNK A 202 11.29 -24.20 -29.51
C UNK A 202 12.35 -23.12 -29.75
N UNK A 203 13.18 -23.33 -30.78
CA UNK A 203 14.22 -22.35 -31.11
C UNK A 203 13.62 -21.00 -31.52
N UNK A 204 12.53 -21.05 -32.31
CA UNK A 204 11.86 -19.82 -32.74
C UNK A 204 11.29 -19.06 -31.54
N UNK A 205 10.75 -19.81 -30.57
CA UNK A 205 10.19 -19.20 -29.37
C UNK A 205 11.25 -18.47 -28.56
N UNK A 206 12.47 -19.03 -28.51
CA UNK A 206 13.55 -18.40 -27.75
C UNK A 206 13.93 -17.04 -28.35
N UNK A 207 13.97 -16.97 -29.69
CA UNK A 207 14.30 -15.70 -30.34
C UNK A 207 13.24 -14.64 -30.03
N UNK A 208 11.96 -15.06 -30.04
CA UNK A 208 10.89 -14.12 -29.71
C UNK A 208 10.94 -13.70 -28.25
N UNK A 209 11.32 -14.63 -27.38
CA UNK A 209 11.38 -14.40 -25.94
C UNK A 209 12.40 -13.33 -25.58
N UNK A 210 13.55 -13.30 -26.28
CA UNK A 210 14.56 -12.29 -25.98
C UNK A 210 14.03 -10.87 -26.22
N UNK A 211 13.31 -10.68 -27.32
CA UNK A 211 12.72 -9.38 -27.62
C UNK A 211 11.67 -9.02 -26.58
N UNK A 212 10.87 -10.01 -26.19
CA UNK A 212 9.84 -9.80 -25.18
C UNK A 212 10.44 -9.42 -23.83
N UNK A 213 11.57 -10.04 -23.48
CA UNK A 213 12.23 -9.77 -22.21
C UNK A 213 12.72 -8.33 -22.13
N UNK A 214 13.25 -7.81 -23.24
CA UNK A 214 13.71 -6.42 -23.24
C UNK A 214 12.53 -5.47 -23.01
N UNK A 215 11.39 -5.76 -23.65
CA UNK A 215 10.21 -4.92 -23.46
C UNK A 215 9.72 -4.97 -22.00
N UNK A 216 9.76 -6.17 -21.40
CA UNK A 216 9.32 -6.33 -20.03
C UNK A 216 10.20 -5.55 -19.06
N UNK A 217 11.51 -5.54 -19.32
CA UNK A 217 12.44 -4.81 -18.47
C UNK A 217 12.16 -3.32 -18.51
N UNK A 218 11.84 -2.80 -19.69
CA UNK A 218 11.52 -1.37 -19.82
C UNK A 218 10.27 -1.02 -19.03
N UNK A 219 9.28 -1.91 -19.05
CA UNK A 219 8.05 -1.66 -18.30
C UNK A 219 8.31 -1.62 -16.80
N UNK A 220 9.19 -2.50 -16.32
CA UNK A 220 9.53 -2.51 -14.89
C UNK A 220 10.31 -1.27 -14.52
N UNK A 221 11.27 -0.88 -15.36
CA UNK A 221 12.07 0.31 -15.12
C UNK A 221 11.19 1.55 -15.16
N UNK A 222 10.23 1.57 -16.08
CA UNK A 222 9.31 2.68 -16.17
C UNK A 222 8.33 2.65 -15.01
N UNK A 223 8.07 1.46 -14.44
CA UNK A 223 7.21 1.37 -13.27
C UNK A 223 7.90 2.02 -12.10
N UNK A 224 9.23 1.88 -12.06
CA UNK A 224 10.01 2.55 -11.03
C UNK A 224 10.09 4.04 -11.36
N UNK A 225 9.98 4.38 -12.65
CA UNK A 225 9.99 5.78 -13.07
C UNK A 225 8.68 6.45 -12.70
N UNK A 226 7.62 5.65 -12.51
CA UNK A 226 6.32 6.15 -12.12
C UNK A 226 6.29 6.58 -10.66
N UNK A 227 7.38 6.37 -9.91
CA UNK A 227 7.48 6.75 -8.50
C UNK A 227 7.33 8.24 -8.28
N UNK A 228 7.45 9.06 -9.33
CA UNK A 228 7.27 10.49 -9.28
C UNK A 228 5.80 10.89 -9.35
N UNK A 229 4.92 9.94 -9.02
CA UNK A 229 3.47 10.12 -9.04
C UNK A 229 3.03 11.29 -8.18
N UNK A 230 3.53 11.37 -6.94
CA UNK A 230 3.17 12.47 -6.06
C UNK A 230 3.90 13.77 -6.41
N UNK A 231 4.74 13.75 -7.45
CA UNK A 231 5.48 14.91 -7.96
C UNK A 231 6.38 15.57 -6.91
N UNK A 232 7.46 14.83 -6.60
CA UNK A 232 8.52 15.24 -5.67
C UNK A 232 8.02 15.55 -4.26
N UNK A 233 6.96 14.89 -3.81
CA UNK A 233 6.49 15.20 -2.48
C UNK A 233 6.44 14.00 -1.55
N UNK A 234 5.81 12.90 -1.98
CA UNK A 234 5.58 11.70 -1.18
C UNK A 234 4.85 12.15 0.09
N UNK A 235 3.71 12.81 -0.16
CA UNK A 235 2.88 13.39 0.90
C UNK A 235 2.45 12.37 1.93
N UNK A 236 2.10 11.16 1.50
CA UNK A 236 1.67 10.13 2.41
C UNK A 236 2.79 9.20 2.84
N UNK A 237 4.05 9.60 2.66
CA UNK A 237 5.16 8.72 3.04
C UNK A 237 5.35 8.63 4.55
N UNK A 238 4.59 7.72 5.17
CA UNK A 238 4.62 7.40 6.59
C UNK A 238 3.82 6.12 6.77
N UNK A 239 4.41 4.99 7.20
CA UNK A 239 3.58 3.78 7.32
C UNK A 239 3.82 2.87 8.54
N UNK A 240 3.15 3.18 9.68
CA UNK A 240 3.06 2.43 10.95
C UNK A 240 2.34 3.24 12.02
N UNK A 241 1.82 2.55 13.03
CA UNK A 241 1.12 3.18 14.13
C UNK A 241 1.25 2.27 15.34
N UNK A 242 1.72 2.82 16.45
CA UNK A 242 1.92 2.04 17.67
C UNK A 242 0.59 1.76 18.37
N UNK A 243 0.69 1.16 19.56
CA UNK A 243 -0.47 0.79 20.36
C UNK A 243 -0.99 1.98 21.17
N UNK A 244 -1.85 1.68 22.14
CA UNK A 244 -2.45 2.69 23.00
C UNK A 244 -1.49 3.12 24.11
N UNK A 245 -2.03 3.82 25.10
CA UNK A 245 -1.23 4.33 26.22
C UNK A 245 -0.87 3.24 27.21
N UNK A 246 0.40 3.19 27.61
CA UNK A 246 0.79 2.19 28.61
C UNK A 246 1.39 2.81 29.88
N UNK A 247 2.64 3.25 29.78
CA UNK A 247 3.41 3.90 30.85
C UNK A 247 4.66 4.47 30.21
N UNK A 248 4.72 5.76 29.88
CA UNK A 248 5.94 6.19 29.20
C UNK A 248 6.34 7.63 29.46
N UNK A 249 7.66 7.80 29.61
CA UNK A 249 8.28 9.10 29.75
C UNK A 249 8.68 9.63 28.39
N UNK A 250 8.73 8.76 27.39
CA UNK A 250 9.06 9.12 26.00
C UNK A 250 7.80 9.52 25.27
N UNK A 251 7.09 10.48 25.88
CA UNK A 251 5.80 11.00 25.45
C UNK A 251 5.69 11.41 24.00
N UNK A 252 6.78 11.79 23.35
CA UNK A 252 6.68 12.23 21.97
C UNK A 252 7.78 11.73 21.04
N UNK A 253 7.85 10.41 20.83
CA UNK A 253 8.79 9.82 19.87
C UNK A 253 8.53 10.41 18.48
N UNK A 254 9.51 10.30 17.58
CA UNK A 254 9.37 10.91 16.26
C UNK A 254 8.19 10.45 15.41
N UNK A 255 8.17 9.21 14.93
CA UNK A 255 7.04 8.68 14.19
C UNK A 255 7.29 7.22 13.89
N UNK A 256 6.48 6.33 14.48
CA UNK A 256 6.61 4.87 14.28
C UNK A 256 6.58 4.48 12.81
N UNK A 257 5.96 5.32 12.00
CA UNK A 257 5.76 5.23 10.57
C UNK A 257 6.93 5.76 9.74
N LEU A 258 7.79 6.57 10.33
CA LEU A 258 8.86 7.27 9.62
C LEU A 258 10.24 6.63 9.53
N GLU A 259 10.90 6.37 10.68
CA GLU A 259 12.26 5.86 10.78
C GLU A 259 12.63 4.73 9.83
N GLU A 260 11.71 3.81 9.62
CA GLU A 260 11.89 2.67 8.76
C GLU A 260 11.50 2.92 7.31
N SER A 261 10.82 4.04 7.02
CA SER A 261 10.32 4.27 5.67
C SER A 261 11.41 4.46 4.62
N TYR A 262 12.56 5.05 4.95
CA TYR A 262 13.58 5.19 3.91
C TYR A 262 14.13 3.84 3.49
N SER A 263 14.49 3.01 4.48
CA SER A 263 15.00 1.68 4.19
C SER A 263 13.93 0.85 3.50
N ALA A 264 12.67 1.06 3.90
CA ALA A 264 11.55 0.35 3.29
C ALA A 264 11.44 0.68 1.81
N VAL A 265 11.45 1.97 1.46
CA VAL A 265 11.34 2.38 0.06
C VAL A 265 12.55 1.92 -0.74
N MET A 266 13.75 2.18 -0.20
CA MET A 266 15.01 1.81 -0.82
C MET A 266 15.09 0.30 -1.08
N GLY A 267 14.44 -0.50 -0.24
CA GLY A 267 14.42 -1.92 -0.41
C GLY A 267 13.34 -2.40 -1.35
N ILE A 268 12.09 -1.90 -1.19
CA ILE A 268 10.97 -2.32 -2.05
C ILE A 268 11.24 -1.99 -3.51
N VAL A 269 12.04 -0.93 -3.77
CA VAL A 269 12.43 -0.60 -5.14
C VAL A 269 13.16 -1.79 -5.75
N SER A 270 14.10 -2.36 -5.02
CA SER A 270 14.81 -3.53 -5.50
C SER A 270 13.92 -4.78 -5.46
N GLU A 271 12.97 -4.83 -4.52
CA GLU A 271 12.09 -5.99 -4.37
C GLU A 271 11.24 -6.24 -5.60
N VAL A 272 10.67 -5.16 -6.18
CA VAL A 272 9.84 -5.33 -7.38
C VAL A 272 10.68 -5.87 -8.53
N GLU A 273 11.94 -5.42 -8.61
CA GLU A 273 12.87 -5.87 -9.64
C GLU A 273 13.19 -7.35 -9.45
N GLN A 274 13.24 -7.79 -8.19
CA GLN A 274 13.47 -9.20 -7.88
C GLN A 274 12.32 -10.06 -8.37
N TYR A 275 11.10 -9.65 -8.04
CA TYR A 275 9.93 -10.43 -8.44
C TYR A 275 9.70 -10.44 -9.94
N VAL A 276 10.10 -9.37 -10.64
CA VAL A 276 9.94 -9.37 -12.09
C VAL A 276 10.93 -10.34 -12.71
N LYS A 277 12.14 -10.44 -12.11
CA LYS A 277 13.16 -11.36 -12.60
C LYS A 277 12.76 -12.83 -12.56
N VAL A 278 11.76 -13.20 -11.77
CA VAL A 278 11.34 -14.58 -11.70
C VAL A 278 9.88 -14.68 -12.11
N UNK A 279 13.80 -28.66 -61.29
CA UNK A 279 14.09 -27.34 -61.86
C UNK A 279 13.74 -26.22 -60.88
N UNK A 280 12.48 -25.77 -60.95
CA UNK A 280 12.02 -24.71 -60.06
C UNK A 280 12.07 -25.14 -58.60
N UNK A 281 11.69 -26.39 -58.33
CA UNK A 281 11.72 -26.91 -56.96
C UNK A 281 13.15 -26.97 -56.45
N UNK A 282 14.08 -27.38 -57.32
CA UNK A 282 15.49 -27.44 -56.95
C UNK A 282 16.02 -26.04 -56.65
N UNK A 283 15.59 -25.06 -57.46
CA UNK A 283 16.01 -23.68 -57.24
C UNK A 283 15.49 -23.16 -55.91
N UNK A 284 14.24 -23.52 -55.58
CA UNK A 284 13.65 -23.11 -54.32
C UNK A 284 14.41 -23.73 -53.15
N UNK A 285 14.82 -24.99 -53.31
CA UNK A 285 15.58 -25.68 -52.26
C UNK A 285 16.94 -25.00 -52.07
N UNK A 286 17.58 -24.61 -53.18
CA UNK A 286 18.86 -23.92 -53.12
C UNK A 286 18.71 -22.58 -52.41
N UNK A 287 17.61 -21.88 -52.69
CA UNK A 287 17.35 -20.59 -52.05
C UNK A 287 17.14 -20.78 -50.56
N UNK A 288 16.45 -21.86 -50.17
CA UNK A 288 16.22 -22.15 -48.77
C UNK A 288 17.52 -22.45 -48.07
N UNK A 289 18.41 -23.18 -48.74
CA UNK A 289 19.72 -23.50 -48.19
C UNK A 289 20.54 -22.24 -48.00
N UNK A 290 20.46 -21.32 -48.96
CA UNK A 290 21.17 -20.05 -48.87
C UNK A 290 20.64 -19.23 -47.69
N UNK A 291 19.32 -19.25 -47.50
CA UNK A 291 18.70 -18.54 -46.40
C UNK A 291 19.16 -19.12 -45.06
N UNK A 292 19.26 -20.45 -44.99
CA UNK A 292 19.73 -21.11 -43.78
C UNK A 292 21.17 -20.72 -43.49
N UNK A 293 22.00 -20.65 -44.54
CA UNK A 293 23.39 -20.26 -44.38
C UNK A 293 23.49 -18.83 -43.88
N UNK A 294 22.62 -17.95 -44.40
CA UNK A 294 22.60 -16.56 -43.97
C UNK A 294 22.20 -16.46 -42.50
N UNK A 295 21.23 -17.28 -42.10
CA UNK A 295 20.78 -17.30 -40.71
C UNK A 295 21.91 -17.77 -39.79
N UNK A 296 22.66 -18.78 -40.24
CA UNK A 296 23.79 -19.28 -39.47
C UNK A 296 24.86 -18.21 -39.32
N UNK A 297 25.10 -17.44 -40.40
CA UNK A 297 26.07 -16.36 -40.35
C UNK A 297 25.64 -15.29 -39.38
N UNK A 298 24.32 -14.98 -39.37
CA UNK A 298 23.79 -13.99 -38.44
C UNK A 298 23.95 -14.46 -37.00
N UNK A 299 23.73 -15.76 -36.77
CA UNK A 299 23.89 -16.33 -35.43
C UNK A 299 25.34 -16.24 -34.98
N UNK A 300 26.27 -16.48 -35.90
CA UNK A 300 27.70 -16.40 -35.61
C UNK A 300 28.10 -14.97 -35.28
N UNK A 301 26.37 -19.33 -23.38
CA UNK A 301 26.18 -20.78 -23.38
C UNK A 301 24.93 -21.16 -24.16
N UNK A 302 23.84 -20.43 -23.90
CA UNK A 302 22.57 -20.70 -24.58
C UNK A 302 22.69 -20.45 -26.08
N UNK A 303 23.41 -19.39 -26.45
CA UNK A 303 23.62 -19.08 -27.87
C UNK A 303 24.44 -20.17 -28.54
N UNK A 304 25.45 -20.69 -27.83
CA UNK A 304 26.27 -21.77 -28.37
C UNK A 304 25.44 -23.03 -28.55
N UNK A 305 24.54 -23.30 -27.60
CA UNK A 305 23.67 -24.47 -27.70
C UNK A 305 22.73 -24.33 -28.88
N UNK A 306 22.23 -23.11 -29.11
CA UNK A 306 21.35 -22.86 -30.24
C UNK A 306 22.09 -23.07 -31.55
N UNK A 307 23.35 -22.61 -31.61
CA UNK A 307 24.16 -22.79 -32.80
C UNK A 307 24.40 -24.27 -33.08
N UNK A 308 24.65 -25.04 -32.01
CA UNK A 308 24.86 -26.47 -32.14
C UNK A 308 23.60 -27.15 -32.66
N UNK A 309 22.44 -26.72 -32.15
CA UNK A 309 21.17 -27.27 -32.60
C UNK A 309 20.94 -26.97 -34.07
N UNK A 310 21.31 -25.75 -34.49
CA UNK A 310 21.16 -25.36 -35.89
C UNK A 310 22.05 -26.21 -36.78
N UNK A 311 23.27 -26.48 -36.33
CA UNK A 311 24.20 -27.32 -37.08
C UNK A 311 23.64 -28.74 -37.22
N UNK A 312 23.07 -29.25 -36.12
CA UNK A 312 22.47 -30.58 -36.13
C UNK A 312 21.31 -30.65 -37.11
N UNK A 313 20.51 -29.58 -37.16
CA UNK A 313 19.38 -29.52 -38.09
C UNK A 313 19.88 -29.48 -39.53
N UNK A 314 20.97 -28.75 -39.77
CA UNK A 314 21.57 -28.63 -41.10
C UNK A 314 21.98 -29.99 -41.66
N UNK A 315 22.33 -30.92 -40.78
CA UNK A 315 22.68 -32.26 -41.28
C UNK A 315 21.46 -33.05 -41.78
N UNK A 316 20.35 -33.01 -41.03
CA UNK A 316 19.13 -33.73 -41.43
C UNK A 316 18.59 -33.18 -42.74
N UNK A 317 18.63 -31.86 -42.88
CA UNK A 317 18.17 -31.23 -44.12
C UNK A 317 19.04 -31.66 -45.29
N UNK A 318 20.36 -31.74 -45.05
CA UNK A 318 21.29 -32.18 -46.07
C UNK A 318 21.00 -33.62 -46.48
N UNK A 319 20.57 -34.45 -45.53
CA UNK A 319 20.26 -35.85 -45.83
C UNK A 319 19.05 -35.96 -46.74
N UNK A 320 18.01 -35.15 -46.48
CA UNK A 320 16.84 -35.13 -47.36
C UNK A 320 17.28 -34.78 -48.76
N UNK A 321 18.24 -33.84 -48.84
CA UNK A 321 18.83 -33.48 -50.13
C UNK A 321 19.59 -34.66 -50.73
N UNK A 322 20.25 -35.45 -49.89
CA UNK A 322 20.98 -36.62 -50.36
C UNK A 322 20.02 -37.65 -50.95
N UNK A 323 18.87 -37.84 -50.30
CA UNK A 323 17.86 -38.76 -50.81
C UNK A 323 17.31 -38.27 -52.13
N UNK A 324 17.10 -36.95 -52.23
CA UNK A 324 16.63 -36.35 -53.47
C UNK A 324 17.64 -36.54 -54.57
N UNK A 325 18.93 -36.39 -54.24
CA UNK A 325 20.02 -36.57 -55.18
C UNK A 325 20.09 -38.00 -55.67
N UNK A 326 19.84 -38.94 -54.76
CA UNK A 326 19.83 -40.36 -55.12
C UNK A 326 18.69 -40.62 -56.09
N UNK A 327 17.52 -40.07 -55.77
CA UNK A 327 16.36 -40.17 -56.63
C UNK A 327 16.63 -39.46 -57.94
N UNK A 328 17.29 -38.31 -57.86
CA UNK A 328 17.66 -37.54 -59.05
C UNK A 328 18.72 -38.31 -59.84
N SER B 1 11.78 -20.34 -47.16
CA SER B 1 12.75 -19.69 -46.28
C SER B 1 12.16 -19.54 -44.88
N SER B 2 10.88 -19.18 -44.81
CA SER B 2 10.19 -19.00 -43.54
C SER B 2 8.80 -19.63 -43.51
N ILE B 3 8.34 -20.23 -44.61
CA ILE B 3 7.02 -20.86 -44.67
C ILE B 3 6.93 -22.02 -43.67
N LEU B 4 7.98 -22.82 -43.57
CA LEU B 4 7.91 -23.88 -42.57
C LEU B 4 8.12 -23.31 -41.17
N SER B 5 8.64 -22.08 -41.03
CA SER B 5 8.73 -21.50 -39.71
C SER B 5 7.33 -21.12 -39.26
N GLU B 6 6.47 -20.74 -40.22
CA GLU B 6 5.08 -20.44 -39.93
C GLU B 6 4.38 -21.69 -39.40
N VAL B 7 4.58 -22.81 -40.13
CA VAL B 7 3.99 -24.09 -39.73
C VAL B 7 4.53 -24.55 -38.37
N SER B 8 5.83 -24.32 -38.13
CA SER B 8 6.45 -24.70 -36.86
C SER B 8 5.86 -23.88 -35.71
N THR B 9 5.55 -22.60 -35.96
CA THR B 9 4.92 -21.78 -34.93
C THR B 9 3.49 -22.25 -34.69
N ARG B 10 2.90 -22.92 -35.68
CA ARG B 10 1.56 -23.48 -35.59
C ARG B 10 1.53 -24.93 -35.12
N ALA B 11 2.68 -25.51 -34.75
CA ALA B 11 2.73 -26.91 -34.33
C ALA B 11 1.91 -27.18 -33.06
N ARG B 12 2.26 -26.55 -31.94
CA ARG B 12 1.56 -26.77 -30.67
C ARG B 12 0.72 -25.56 -30.26
N SER B 13 -0.30 -25.84 -29.44
CA SER B 13 -1.18 -24.81 -28.92
C SER B 13 -1.36 -24.87 -27.41
N LYS B 14 -0.83 -25.89 -26.72
CA LYS B 14 -0.94 -26.00 -25.27
C LYS B 14 -0.02 -24.98 -24.62
N LEU B 15 -0.34 -23.70 -24.79
CA LEU B 15 0.47 -22.59 -24.32
C LEU B 15 -0.36 -21.54 -23.59
N PRO B 16 -0.67 -21.75 -22.31
CA PRO B 16 -1.40 -20.71 -21.56
C PRO B 16 -0.45 -19.54 -21.34
N SER B 17 -0.85 -18.37 -21.85
CA SER B 17 -0.10 -17.12 -21.90
C SER B 17 0.05 -16.37 -20.58
N GLY B 18 0.39 -15.09 -20.64
CA GLY B 18 0.58 -14.28 -19.44
C GLY B 18 -0.70 -13.89 -18.72
N LYS B 19 -0.95 -14.54 -17.58
CA LYS B 19 -2.13 -14.31 -16.76
C LYS B 19 -1.87 -13.19 -15.74
N ASN B 20 -2.93 -12.47 -15.36
CA ASN B 20 -2.80 -11.38 -14.40
C ASN B 20 -3.88 -11.42 -13.32
N ILE B 21 -3.55 -10.81 -12.17
CA ILE B 21 -4.41 -10.71 -10.99
C ILE B 21 -4.28 -9.33 -10.40
N LEU B 22 -5.40 -8.71 -10.02
CA LEU B 22 -5.39 -7.38 -9.41
C LEU B 22 -6.09 -7.43 -8.07
N VAL B 23 -5.38 -7.85 -7.04
CA VAL B 23 -6.04 -7.85 -5.76
C VAL B 23 -5.92 -6.44 -5.20
N PHE B 24 -6.79 -6.11 -4.27
CA PHE B 24 -6.81 -4.78 -3.68
C PHE B 24 -6.49 -4.87 -2.20
N GLY B 25 -5.19 -4.83 -1.87
CA GLY B 25 -4.68 -4.90 -0.52
C GLY B 25 -5.28 -3.83 0.37
N GLU B 26 -5.88 -4.22 1.49
CA GLU B 26 -6.55 -3.22 2.29
C GLU B 26 -6.11 -3.13 3.76
N ASP B 27 -5.11 -2.28 3.99
CA ASP B 27 -4.56 -1.89 5.30
C ASP B 27 -4.33 -3.07 6.23
N GLY B 28 -3.35 -3.87 5.86
CA GLY B 28 -3.09 -5.05 6.64
C GLY B 28 -4.10 -6.04 6.13
N SER B 29 -5.06 -6.42 6.99
CA SER B 29 -6.13 -7.37 6.68
C SER B 29 -5.57 -8.66 6.08
N GLY B 30 -4.42 -9.04 6.62
CA GLY B 30 -3.70 -10.24 6.22
C GLY B 30 -3.38 -10.34 4.76
N LYS B 31 -3.13 -9.22 4.07
CA LYS B 31 -2.85 -9.32 2.64
C LYS B 31 -1.45 -9.86 2.37
N THR B 32 -0.45 -9.32 3.08
CA THR B 32 0.91 -9.85 2.97
C THR B 32 0.86 -11.30 3.43
N THR B 33 0.04 -11.53 4.45
CA THR B 33 -0.25 -12.85 4.97
C THR B 33 -1.12 -13.64 3.98
N LEU B 34 -1.86 -12.97 3.08
CA LEU B 34 -2.67 -13.75 2.13
C LEU B 34 -1.77 -14.40 1.11
N MET B 35 -0.78 -13.65 0.61
CA MET B 35 0.11 -14.33 -0.32
C MET B 35 1.09 -15.21 0.44
N THR B 36 1.31 -14.92 1.73
CA THR B 36 2.18 -15.77 2.53
C THR B 36 1.51 -17.11 2.82
N LYS B 37 0.20 -17.09 3.05
CA LYS B 37 -0.53 -18.34 3.25
C LYS B 37 -0.65 -19.05 1.92
N LEU B 38 -0.68 -18.27 0.84
CA LEU B 38 -0.70 -18.87 -0.48
C LEU B 38 0.67 -19.44 -0.77
N GLN B 39 1.71 -18.64 -0.54
CA GLN B 39 3.10 -19.05 -0.74
C GLN B 39 4.00 -18.42 0.30
N HIS B 43 8.16 -12.67 2.22
CA HIS B 43 7.61 -11.35 1.95
C HIS B 43 8.53 -10.24 2.49
N GLY B 44 8.97 -9.36 1.59
CA GLY B 44 9.88 -8.29 1.96
C GLY B 44 9.33 -7.27 2.94
N LYS B 45 8.41 -6.41 2.49
CA LYS B 45 7.79 -5.39 3.31
C LYS B 45 6.58 -4.88 2.56
N LYS B 46 5.65 -4.27 3.29
CA LYS B 46 4.41 -3.74 2.71
C LYS B 46 4.20 -2.29 3.14
N GLY B 47 4.82 -1.36 2.40
CA GLY B 47 4.65 0.04 2.70
C GLY B 47 4.60 0.87 1.43
N ARG B 48 4.83 0.23 0.30
CA ARG B 48 4.85 0.94 -0.97
C ARG B 48 3.62 0.75 -1.83
N GLY B 49 2.91 -0.37 -1.73
CA GLY B 49 1.78 -0.61 -2.59
C GLY B 49 2.30 -1.12 -3.92
N LEU B 50 1.37 -1.65 -4.75
CA LEU B 50 1.68 -2.24 -6.07
C LEU B 50 2.68 -3.40 -5.94
N GLU B 51 2.78 -3.97 -4.73
CA GLU B 51 3.73 -5.01 -4.43
C GLU B 51 3.37 -6.28 -5.18
N TYR B 52 3.99 -6.35 -6.35
CA TYR B 52 3.84 -7.41 -7.32
C TYR B 52 4.18 -8.77 -6.71
N LEU B 53 3.57 -9.77 -7.30
CA LEU B 53 3.83 -11.15 -6.97
C LEU B 53 3.51 -11.86 -8.27
N TYR B 54 4.11 -13.01 -8.46
CA TYR B 54 3.89 -13.77 -9.67
C TYR B 54 3.45 -15.14 -9.23
N LEU B 55 2.40 -15.65 -9.81
CA LEU B 55 2.00 -17.00 -9.51
C LEU B 55 2.33 -17.76 -10.76
N SER B 56 2.85 -18.95 -10.56
CA SER B 56 3.22 -19.92 -11.57
C SER B 56 3.01 -21.21 -10.80
N VAL B 57 1.77 -21.70 -10.86
CA VAL B 57 1.39 -22.88 -10.10
C VAL B 57 1.04 -23.96 -11.12
N HIS B 58 0.63 -25.11 -10.61
CA HIS B 58 0.22 -26.32 -11.31
C HIS B 58 -0.75 -26.06 -12.46
N ASP B 59 -0.35 -26.43 -13.67
CA ASP B 59 -1.16 -26.26 -14.88
C ASP B 59 -2.01 -27.49 -15.17
N GLU B 60 -2.78 -27.90 -14.16
CA GLU B 60 -3.75 -29.00 -14.09
C GLU B 60 -3.17 -30.41 -14.21
N ASP B 61 -1.90 -30.58 -14.60
CA ASP B 61 -1.33 -31.92 -14.69
C ASP B 61 0.13 -31.94 -14.24
N ARG B 62 0.75 -30.78 -14.32
CA ARG B 62 2.11 -30.43 -13.95
C ARG B 62 2.05 -28.93 -13.77
N ASP B 63 3.18 -28.26 -13.71
CA ASP B 63 3.16 -26.81 -13.70
C ASP B 63 3.83 -26.39 -15.00
N ASP B 64 3.05 -25.76 -15.87
CA ASP B 64 3.58 -25.27 -17.14
C ASP B 64 3.79 -23.78 -17.02
N HIS B 65 4.15 -23.37 -15.80
CA HIS B 65 4.40 -22.00 -15.39
C HIS B 65 3.16 -21.14 -15.65
N THR B 66 2.10 -21.42 -14.88
CA THR B 66 0.85 -20.67 -15.00
C THR B 66 1.16 -19.28 -14.46
N ARG B 67 1.79 -18.48 -15.32
CA ARG B 67 2.33 -17.16 -15.08
C ARG B 67 1.19 -16.18 -14.80
N CYS B 68 0.67 -16.30 -13.58
CA CYS B 68 -0.45 -15.51 -13.10
C CYS B 68 0.16 -14.41 -12.23
N ASN B 69 0.42 -13.29 -12.88
CA ASN B 69 1.03 -12.14 -12.24
C ASN B 69 0.05 -11.48 -11.28
N VAL B 70 0.46 -11.31 -10.03
CA VAL B 70 -0.38 -10.73 -9.00
C VAL B 70 -0.01 -9.25 -8.84
N TRP B 71 -0.95 -8.45 -8.33
CA TRP B 71 -0.69 -7.04 -8.04
C TRP B 71 -1.45 -6.66 -6.79
N ILE B 72 -0.77 -5.97 -5.86
CA ILE B 72 -1.36 -5.59 -4.58
C ILE B 72 -1.14 -4.12 -4.26
N LEU B 73 -2.19 -3.32 -4.34
CA LEU B 73 -2.15 -1.91 -4.01
C LEU B 73 -2.71 -1.72 -2.60
N ASP B 74 -2.28 -0.66 -1.90
CA ASP B 74 -2.84 -0.39 -0.59
C ASP B 74 -2.70 1.10 -0.33
N GLY B 75 -3.81 1.73 -0.01
CA GLY B 75 -3.90 3.15 0.20
C GLY B 75 -4.71 3.77 -0.92
N ASP B 76 -4.57 5.08 -1.06
CA ASP B 76 -5.32 5.73 -2.13
C ASP B 76 -4.56 6.87 -2.81
N LEU B 77 -3.37 7.22 -2.36
CA LEU B 77 -2.63 8.34 -2.94
C LEU B 77 -2.19 8.10 -4.38
N TYR B 78 -3.05 8.53 -5.30
CA TYR B 78 -2.93 8.51 -6.75
C TYR B 78 -2.31 7.25 -7.33
N HIS B 79 -2.72 6.09 -6.86
CA HIS B 79 -2.10 4.88 -7.38
C HIS B 79 -2.72 4.41 -8.74
N LYS B 80 -3.37 5.37 -9.43
CA LYS B 80 -3.99 5.15 -10.73
C LYS B 80 -2.96 4.81 -11.79
N GLY B 81 -1.85 5.55 -11.81
CA GLY B 81 -0.79 5.27 -12.78
C GLY B 81 -0.14 3.93 -12.49
N LEU B 82 -0.18 3.51 -11.24
CA LEU B 82 0.34 2.20 -10.88
C LEU B 82 -0.57 1.13 -11.45
N LEU B 83 -1.88 1.43 -11.46
CA LEU B 83 -2.83 0.52 -12.09
C LEU B 83 -2.60 0.48 -13.59
N LYS B 84 -2.13 1.60 -14.17
CA LYS B 84 -1.75 1.59 -15.58
C LYS B 84 -0.60 0.64 -15.76
N PHE B 85 0.33 0.62 -14.79
CA PHE B 85 1.43 -0.33 -14.85
C PHE B 85 1.01 -1.73 -14.47
N ALA B 86 -0.25 -1.92 -14.10
CA ALA B 86 -0.77 -3.23 -13.79
C ALA B 86 -1.91 -3.66 -14.71
N VAL B 87 -2.53 -2.73 -15.46
CA VAL B 87 -3.65 -3.05 -16.37
C VAL B 87 -3.37 -2.46 -17.75
N SER B 88 -3.08 -3.32 -18.70
CA SER B 88 -2.86 -2.87 -20.07
C SER B 88 -4.14 -3.04 -20.88
N ALA B 89 -4.01 -2.91 -22.20
CA ALA B 89 -5.13 -3.10 -23.12
C ALA B 89 -5.31 -4.57 -23.47
N GLU B 90 -4.24 -5.35 -23.37
CA GLU B 90 -4.30 -6.78 -23.67
C GLU B 90 -4.33 -7.60 -22.39
N SER B 91 -4.13 -6.95 -21.25
CA SER B 91 -4.18 -7.63 -19.98
C SER B 91 -5.60 -8.00 -19.62
N LEU B 92 -6.55 -7.18 -20.09
CA LEU B 92 -8.01 -7.18 -19.91
C LEU B 92 -8.73 -8.52 -19.80
N PRO B 93 -8.46 -9.57 -20.63
CA PRO B 93 -9.18 -10.83 -20.42
C PRO B 93 -8.81 -11.54 -19.13
N GLU B 94 -7.52 -11.82 -18.96
CA GLU B 94 -7.01 -12.48 -17.76
C GLU B 94 -6.78 -11.45 -16.67
N THR B 95 -7.88 -10.87 -16.21
CA THR B 95 -7.90 -9.86 -15.16
C THR B 95 -8.83 -10.33 -14.05
N LEU B 96 -8.31 -11.19 -13.18
CA LEU B 96 -9.10 -11.65 -12.05
C LEU B 96 -8.92 -10.63 -10.96
N VAL B 97 -9.84 -9.68 -10.86
CA VAL B 97 -9.70 -8.71 -9.79
C VAL B 97 -10.26 -9.37 -8.53
N ILE B 98 -9.59 -9.14 -7.42
CA ILE B 98 -9.93 -9.74 -6.15
C ILE B 98 -10.07 -8.63 -5.14
N PHE B 99 -11.24 -8.50 -4.54
CA PHE B 99 -11.36 -7.46 -3.54
C PHE B 99 -11.16 -8.15 -2.21
N VAL B 100 -10.24 -7.64 -1.40
CA VAL B 100 -9.89 -8.23 -0.12
C VAL B 100 -10.18 -7.26 1.00
N ALA B 101 -10.80 -7.77 2.05
CA ALA B 101 -11.11 -6.97 3.21
C ALA B 101 -11.12 -7.89 4.41
N ASP B 102 -11.11 -7.30 5.60
CA ASP B 102 -11.05 -8.06 6.83
C ASP B 102 -12.40 -8.30 7.48
N MET B 103 -12.34 -8.86 8.67
CA MET B 103 -13.49 -9.03 9.52
C MET B 103 -13.24 -8.33 10.83
N SER B 104 -12.00 -7.86 11.05
CA SER B 104 -11.69 -7.10 12.25
C SER B 104 -12.42 -5.78 12.21
N ARG B 105 -12.64 -5.28 11.00
CA ARG B 105 -13.34 -4.03 10.74
C ARG B 105 -14.31 -4.29 9.59
N PRO B 106 -15.46 -4.92 9.87
CA PRO B 106 -16.42 -5.22 8.78
C PRO B 106 -17.08 -3.99 8.18
N TRP B 107 -17.13 -2.91 8.94
CA TRP B 107 -17.75 -1.70 8.43
C TRP B 107 -16.92 -1.07 7.36
N THR B 108 -15.61 -1.28 7.44
CA THR B 108 -14.69 -0.77 6.44
C THR B 108 -15.07 -1.39 5.12
N VAL B 109 -15.15 -2.72 5.13
CA VAL B 109 -15.51 -3.60 4.01
C VAL B 109 -16.75 -3.10 3.29
N MET B 110 -17.85 -2.97 4.05
CA MET B 110 -19.16 -2.52 3.55
C MET B 110 -19.14 -1.33 2.58
N GLU B 111 -18.34 -0.31 2.88
CA GLU B 111 -18.21 0.88 2.04
C GLU B 111 -16.94 0.87 1.21
N SER B 112 -15.80 0.56 1.85
CA SER B 112 -14.48 0.50 1.26
C SER B 112 -14.43 -0.42 0.06
N LEU B 113 -15.34 -1.39 0.00
CA LEU B 113 -15.46 -2.23 -1.16
C LEU B 113 -15.92 -1.37 -2.32
N GLN B 114 -16.89 -0.49 -2.06
CA GLN B 114 -17.37 0.42 -3.09
C GLN B 114 -16.34 1.50 -3.36
N LYS B 115 -15.49 1.79 -2.39
CA LYS B 115 -14.39 2.74 -2.59
C LYS B 115 -13.47 2.21 -3.67
N TRP B 116 -12.96 0.98 -3.45
CA TRP B 116 -12.12 0.29 -4.43
C TRP B 116 -12.84 0.10 -5.76
N ALA B 117 -14.13 -0.25 -5.67
CA ALA B 117 -14.96 -0.51 -6.83
C ALA B 117 -15.02 0.72 -7.70
N SER B 118 -15.38 1.87 -7.12
CA SER B 118 -15.47 3.13 -7.84
C SER B 118 -14.12 3.53 -8.41
N VAL B 119 -13.01 3.15 -7.75
CA VAL B 119 -11.69 3.41 -8.30
C VAL B 119 -11.54 2.65 -9.61
N LEU B 120 -11.96 1.39 -9.60
CA LEU B 120 -11.87 0.61 -10.84
C LEU B 120 -12.91 1.06 -11.85
N ARG B 121 -14.05 1.62 -11.40
CA ARG B 121 -15.06 2.12 -12.34
C ARG B 121 -14.48 3.28 -13.12
N GLU B 122 -13.70 4.11 -12.40
CA GLU B 122 -12.96 5.18 -13.05
C GLU B 122 -12.02 4.57 -14.05
N HIS B 123 -11.14 3.65 -13.58
CA HIS B 123 -10.16 2.96 -14.42
C HIS B 123 -10.78 2.28 -15.65
N ILE B 124 -12.06 1.92 -15.57
CA ILE B 124 -12.77 1.43 -16.74
C ILE B 124 -12.91 2.58 -17.71
N ASP B 125 -13.49 3.67 -17.23
CA ASP B 125 -13.67 4.82 -18.11
C ASP B 125 -12.46 5.75 -18.17
N LYS B 126 -11.27 5.26 -17.82
CA LYS B 126 -10.06 6.08 -17.89
C LYS B 126 -9.03 5.34 -18.72
N MET B 127 -9.03 4.02 -18.64
CA MET B 127 -8.08 3.22 -19.41
C MET B 127 -8.75 2.42 -20.50
N LYS B 128 -9.99 2.02 -20.31
CA LYS B 128 -10.66 1.28 -21.38
C LYS B 128 -11.37 2.26 -22.32
N ILE B 129 -11.36 3.56 -22.03
CA ILE B 129 -11.99 4.52 -22.95
C ILE B 129 -11.30 4.54 -24.33
N PRO B 130 -9.97 4.36 -24.51
CA PRO B 130 -9.47 4.26 -25.88
C PRO B 130 -9.81 2.92 -26.51
N PRO B 131 -9.63 1.70 -25.82
CA PRO B 131 -10.07 0.48 -26.52
C PRO B 131 -11.58 0.40 -26.50
N GLU B 132 -12.17 0.76 -27.64
CA GLU B 132 -13.61 0.79 -27.79
C GLU B 132 -14.13 -0.51 -28.40
N LYS B 133 -13.24 -1.42 -28.74
CA LYS B 133 -13.60 -2.70 -29.32
C LYS B 133 -14.14 -3.67 -28.27
N MET B 134 -13.60 -3.61 -27.05
CA MET B 134 -14.11 -4.48 -26.02
C MET B 134 -15.35 -3.89 -25.38
N ARG B 135 -15.75 -2.70 -25.78
CA ARG B 135 -16.98 -2.09 -25.31
C ARG B 135 -18.07 -2.89 -25.98
N GLU B 136 -18.15 -2.74 -27.29
CA GLU B 136 -19.06 -3.43 -28.20
C GLU B 136 -18.80 -4.92 -28.30
N LEU B 137 -17.68 -5.39 -27.77
CA LEU B 137 -17.28 -6.79 -27.78
C LEU B 137 -17.39 -7.44 -26.42
N GLU B 138 -16.67 -6.91 -25.43
CA GLU B 138 -16.65 -7.44 -24.08
C GLU B 138 -17.96 -7.25 -23.37
N ARG B 139 -18.79 -6.25 -23.72
CA ARG B 139 -20.08 -6.16 -23.04
C ARG B 139 -20.95 -7.30 -23.51
N LYS B 140 -20.89 -7.63 -24.80
CA LYS B 140 -21.62 -8.79 -25.32
C LYS B 140 -20.98 -10.07 -24.82
N PHE B 141 -19.66 -10.06 -24.64
CA PHE B 141 -18.96 -11.22 -24.11
C PHE B 141 -19.29 -11.39 -22.64
N VAL B 142 -19.66 -10.30 -21.98
CA VAL B 142 -20.07 -10.34 -20.60
C VAL B 142 -21.51 -10.80 -20.53
N LYS B 143 -22.28 -10.49 -21.56
CA LYS B 143 -23.64 -10.99 -21.64
C LYS B 143 -23.59 -12.50 -21.88
N ASP B 144 -22.53 -12.96 -22.53
CA ASP B 144 -22.28 -14.38 -22.74
C ASP B 144 -21.90 -14.92 -21.36
N PHE B 145 -20.74 -14.44 -20.91
CA PHE B 145 -20.07 -14.72 -19.64
C PHE B 145 -20.94 -14.80 -18.39
N GLN B 146 -21.80 -13.80 -18.14
CA GLN B 146 -22.61 -13.86 -16.94
C GLN B 146 -23.83 -14.75 -17.11
N ASP B 147 -24.08 -15.24 -18.32
CA ASP B 147 -25.13 -16.22 -18.44
C ASP B 147 -24.57 -17.54 -17.97
N TYR B 148 -23.23 -17.64 -18.00
CA TYR B 148 -22.45 -18.81 -17.61
C TYR B 148 -22.03 -18.68 -16.16
N MET B 149 -22.37 -17.55 -15.54
CA MET B 149 -22.09 -17.32 -14.13
C MET B 149 -22.86 -18.32 -13.28
N GLU B 150 -24.11 -18.57 -13.63
CA GLU B 150 -25.06 -19.45 -12.98
C GLU B 150 -25.19 -20.96 -13.26
N PRO B 151 -25.13 -21.47 -14.50
CA PRO B 151 -25.39 -22.90 -14.71
C PRO B 151 -24.29 -23.83 -14.23
N GLU B 152 -24.72 -25.08 -14.09
CA GLU B 152 -23.92 -26.24 -13.71
C GLU B 152 -23.19 -26.03 -12.38
N GLU B 153 -23.78 -25.22 -11.53
CA GLU B 153 -23.27 -24.94 -10.21
C GLU B 153 -24.28 -25.52 -9.23
N GLY B 154 -23.77 -26.10 -8.15
CA GLY B 154 -24.60 -26.72 -7.16
C GLY B 154 -24.09 -28.12 -6.91
N ASP B 180 -32.44 -16.73 -13.43
CA ASP B 180 -33.35 -15.85 -14.13
C ASP B 180 -32.74 -14.45 -14.19
N ASN B 181 -33.19 -13.55 -13.34
CA ASN B 181 -32.67 -12.19 -13.36
C ASN B 181 -32.51 -11.64 -11.94
N VAL B 182 -31.55 -10.74 -11.80
CA VAL B 182 -31.27 -10.06 -10.55
C VAL B 182 -30.94 -8.62 -10.98
N LEU B 183 -30.79 -7.73 -10.01
CA LEU B 183 -30.45 -6.34 -10.30
C LEU B 183 -28.94 -6.21 -10.29
N THR B 184 -28.27 -6.77 -11.31
CA THR B 184 -26.82 -6.76 -11.38
C THR B 184 -26.27 -5.39 -11.77
N HIS B 185 -24.95 -5.32 -11.98
CA HIS B 185 -24.25 -4.09 -12.29
C HIS B 185 -23.71 -4.00 -13.72
N ASN B 186 -23.05 -2.87 -13.94
CA ASN B 186 -22.39 -2.55 -15.19
C ASN B 186 -21.03 -3.21 -15.25
N LEU B 187 -20.43 -3.46 -14.09
CA LEU B 187 -19.13 -4.13 -14.11
C LEU B 187 -19.33 -5.59 -14.43
N GLY B 188 -18.63 -6.02 -15.45
CA GLY B 188 -18.66 -7.39 -15.89
C GLY B 188 -17.36 -7.58 -16.63
N ILE B 189 -16.59 -8.55 -16.16
CA ILE B 189 -15.28 -9.02 -16.62
C ILE B 189 -15.08 -10.06 -15.53
N PRO B 190 -14.06 -10.95 -15.56
CA PRO B 190 -13.89 -11.86 -14.42
C PRO B 190 -13.58 -11.07 -13.16
N VAL B 191 -14.53 -11.08 -12.22
CA VAL B 191 -14.42 -10.34 -10.97
C VAL B 191 -14.69 -11.29 -9.81
N LEU B 192 -14.21 -10.88 -8.64
CA LEU B 192 -14.38 -11.70 -7.44
C LEU B 192 -14.17 -10.87 -6.19
N VAL B 193 -15.06 -11.06 -5.22
CA VAL B 193 -14.97 -10.39 -3.93
C VAL B 193 -14.66 -11.46 -2.89
N VAL B 194 -13.53 -11.31 -2.22
CA VAL B 194 -13.13 -12.25 -1.20
C VAL B 194 -13.19 -11.47 0.11
N CYS B 195 -13.02 -12.17 1.22
CA CYS B 195 -12.98 -11.59 2.55
C CYS B 195 -11.81 -12.27 3.25
N THR B 196 -11.35 -11.68 4.34
CA THR B 196 -10.23 -12.22 5.10
C THR B 196 -10.55 -11.92 6.56
N LYS B 197 -9.66 -12.34 7.47
CA LYS B 197 -9.73 -12.13 8.92
C LYS B 197 -10.98 -12.78 9.53
N CYS B 198 -11.53 -13.79 8.86
CA CYS B 198 -12.76 -14.39 9.36
C CYS B 198 -12.55 -15.21 10.63
N ASP B 199 -11.36 -15.78 10.90
CA ASP B 199 -11.25 -16.53 12.17
C ASP B 199 -11.02 -15.58 13.36
N ALA B 200 -12.00 -14.74 13.54
CA ALA B 200 -12.10 -13.76 14.61
C ALA B 200 -13.57 -13.64 14.98
N VAL B 201 -14.41 -14.60 14.53
CA VAL B 201 -15.85 -14.58 14.78
C VAL B 201 -16.16 -14.52 16.27
N SER B 202 -15.62 -15.50 17.01
CA SER B 202 -15.84 -15.57 18.45
C SER B 202 -15.23 -14.38 19.16
N VAL B 203 -14.15 -13.82 18.60
CA VAL B 203 -13.53 -12.63 19.18
C VAL B 203 -14.45 -11.43 19.02
N LEU B 204 -15.16 -11.36 17.89
CA LEU B 204 -16.06 -10.25 17.65
C LEU B 204 -17.36 -10.40 18.43
N GLU B 205 -17.88 -11.62 18.54
CA GLU B 205 -19.09 -11.77 19.35
C GLU B 205 -18.73 -11.63 20.82
N LYS B 206 -17.46 -11.94 21.13
CA LYS B 206 -16.92 -11.72 22.45
C LYS B 206 -16.88 -10.23 22.73
N GLU B 207 -16.60 -9.44 21.68
CA GLU B 207 -16.64 -8.00 21.88
C GLU B 207 -18.06 -7.48 21.74
N HIS B 208 -18.64 -7.57 20.55
CA HIS B 208 -19.98 -7.03 20.39
C HIS B 208 -20.93 -7.69 19.41
N ASP B 209 -20.57 -8.76 18.68
CA ASP B 209 -21.55 -9.22 17.72
C ASP B 209 -22.70 -9.89 18.47
N TYR B 210 -22.52 -11.15 18.91
CA TYR B 210 -23.44 -12.01 19.68
C TYR B 210 -24.90 -11.88 19.25
N ARG B 211 -25.15 -11.84 17.95
CA ARG B 211 -26.50 -11.66 17.46
C ARG B 211 -26.50 -12.19 16.04
N ASP B 212 -27.51 -12.99 15.71
CA ASP B 212 -27.56 -13.52 14.36
C ASP B 212 -27.86 -12.41 13.35
N GLU B 213 -28.40 -11.26 13.80
CA GLU B 213 -28.63 -10.14 12.89
C GLU B 213 -27.30 -9.67 12.32
N HIS B 214 -26.30 -9.52 13.19
CA HIS B 214 -24.98 -9.06 12.78
C HIS B 214 -24.33 -10.03 11.80
N LEU B 215 -24.54 -11.33 12.00
CA LEU B 215 -23.94 -12.29 11.08
C LEU B 215 -24.71 -12.39 9.76
N ASP B 216 -26.04 -12.35 9.81
CA ASP B 216 -26.86 -12.49 8.60
C ASP B 216 -26.82 -11.27 7.71
N PHE B 217 -26.90 -10.08 8.32
CA PHE B 217 -26.95 -8.82 7.57
C PHE B 217 -25.71 -8.55 6.71
N ILE B 218 -24.55 -8.83 7.27
CA ILE B 218 -23.29 -8.65 6.54
C ILE B 218 -23.22 -9.59 5.36
N GLN B 219 -23.56 -10.86 5.57
CA GLN B 219 -23.53 -11.83 4.49
C GLN B 219 -24.55 -11.50 3.41
N SER B 220 -25.71 -10.96 3.80
CA SER B 220 -26.71 -10.57 2.81
C SER B 220 -26.17 -9.44 1.96
N HIS B 221 -25.49 -8.48 2.59
CA HIS B 221 -24.92 -7.37 1.87
C HIS B 221 -23.74 -7.78 1.03
N LEU B 222 -22.95 -8.74 1.51
CA LEU B 222 -21.79 -9.20 0.77
C LEU B 222 -22.20 -10.01 -0.45
N ARG B 223 -23.01 -11.05 -0.24
CA ARG B 223 -23.52 -11.88 -1.32
C ARG B 223 -24.31 -11.03 -2.29
N ARG B 224 -25.00 -10.03 -1.76
CA ARG B 224 -25.75 -9.04 -2.53
C ARG B 224 -24.81 -8.24 -3.43
N PHE B 225 -23.72 -7.73 -2.85
CA PHE B 225 -22.71 -6.98 -3.57
C PHE B 225 -22.19 -7.79 -4.74
N CYS B 226 -21.70 -9.00 -4.45
CA CYS B 226 -21.11 -9.90 -5.44
C CYS B 226 -22.07 -10.23 -6.58
N LEU B 227 -23.33 -10.58 -6.25
CA LEU B 227 -24.28 -10.91 -7.31
C LEU B 227 -24.56 -9.71 -8.18
N GLN B 228 -24.56 -8.51 -7.59
CA GLN B 228 -24.78 -7.32 -8.39
C GLN B 228 -23.57 -7.06 -9.28
N TYR B 229 -22.39 -7.10 -8.69
CA TYR B 229 -21.12 -6.86 -9.35
C TYR B 229 -20.75 -7.90 -10.41
N GLY B 230 -21.52 -8.98 -10.53
CA GLY B 230 -21.19 -10.01 -11.49
C GLY B 230 -20.04 -10.85 -11.01
N ALA B 231 -19.84 -10.88 -9.69
CA ALA B 231 -18.77 -11.58 -8.99
C ALA B 231 -19.34 -12.62 -8.05
N ALA B 232 -18.47 -13.13 -7.18
CA ALA B 232 -18.79 -14.14 -6.19
C ALA B 232 -18.22 -13.71 -4.85
N LEU B 233 -18.70 -14.35 -3.78
CA LEU B 233 -18.28 -14.05 -2.41
C LEU B 233 -17.47 -15.22 -1.85
N ILE B 234 -16.28 -14.93 -1.34
CA ILE B 234 -15.39 -15.95 -0.79
C ILE B 234 -14.86 -15.47 0.56
N TYR B 235 -14.69 -16.39 1.50
CA TYR B 235 -14.13 -16.06 2.80
C TYR B 235 -12.84 -16.85 2.98
N THR B 236 -12.03 -16.43 3.95
CA THR B 236 -10.79 -17.13 4.28
C THR B 236 -10.39 -16.69 5.68
N SER B 237 -9.41 -17.38 6.25
CA SER B 237 -9.02 -17.06 7.61
C SER B 237 -7.57 -17.43 7.87
N VAL B 238 -7.15 -17.19 9.11
CA VAL B 238 -5.81 -17.54 9.56
C VAL B 238 -5.77 -19.05 9.67
N LYS B 239 -4.99 -19.68 8.80
CA LYS B 239 -4.79 -21.13 8.68
C LYS B 239 -6.07 -21.84 8.25
N GLU B 240 -6.68 -21.37 7.17
CA GLU B 240 -7.91 -21.98 6.69
C GLU B 240 -8.16 -21.72 5.22
N GLU B 241 -9.13 -22.48 4.73
CA GLU B 241 -9.83 -22.34 3.48
C GLU B 241 -9.02 -22.19 2.19
N LYS B 242 -8.43 -23.31 1.79
CA LYS B 242 -7.72 -23.35 0.51
C LYS B 242 -8.77 -23.70 -0.55
N ASN B 243 -9.60 -22.70 -0.84
CA ASN B 243 -10.66 -22.79 -1.83
C ASN B 243 -10.42 -21.71 -2.87
N LEU B 244 -9.39 -20.92 -2.65
CA LEU B 244 -8.99 -19.81 -3.50
C LEU B 244 -8.57 -20.24 -4.90
N ASP B 245 -7.47 -21.00 -5.04
CA ASP B 245 -6.91 -21.42 -6.32
C ASP B 245 -7.88 -22.26 -7.14
N LEU B 246 -8.87 -22.87 -6.47
CA LEU B 246 -9.85 -23.69 -7.15
C LEU B 246 -10.61 -22.85 -8.17
N LEU B 247 -11.19 -21.74 -7.73
CA LEU B 247 -11.91 -20.86 -8.64
C LEU B 247 -11.01 -20.12 -9.61
N TYR B 248 -9.78 -19.76 -9.22
CA TYR B 248 -8.96 -18.99 -10.15
C TYR B 248 -8.48 -19.90 -11.26
N LYS B 249 -7.79 -20.98 -10.87
CA LYS B 249 -7.32 -21.99 -11.80
C LYS B 249 -8.47 -22.45 -12.68
N TYR B 250 -9.61 -22.73 -12.05
CA TYR B 250 -10.87 -23.09 -12.70
C TYR B 250 -11.34 -22.04 -13.69
N ILE B 251 -11.05 -20.78 -13.43
CA ILE B 251 -11.49 -19.67 -14.27
C ILE B 251 -10.38 -19.12 -15.16
N VAL B 252 -9.15 -19.02 -14.65
CA VAL B 252 -8.07 -18.41 -15.44
C VAL B 252 -7.49 -19.34 -16.51
N HIS B 253 -8.01 -20.57 -16.68
CA HIS B 253 -7.53 -21.55 -17.69
C HIS B 253 -7.31 -21.02 -19.11
N PHE B 260 -11.22 -29.97 -10.92
CA PHE B 260 -10.81 -28.70 -10.32
C PHE B 260 -12.01 -27.91 -9.82
N THR B 261 -13.23 -28.38 -10.11
CA THR B 261 -14.42 -27.73 -9.63
C THR B 261 -14.61 -28.11 -8.15
N THR B 262 -15.58 -27.48 -7.50
CA THR B 262 -15.80 -27.80 -6.09
C THR B 262 -17.24 -27.52 -5.69
N PRO B 263 -17.78 -28.25 -4.71
CA PRO B 263 -19.14 -27.97 -4.25
C PRO B 263 -19.10 -26.92 -3.15
N ALA B 264 -20.05 -26.01 -3.24
CA ALA B 264 -20.22 -24.81 -2.43
C ALA B 264 -20.57 -25.09 -0.95
N LEU B 265 -20.63 -23.99 -0.17
CA LEU B 265 -20.98 -23.98 1.25
C LEU B 265 -21.41 -22.61 1.75
N VAL B 266 -22.62 -22.55 2.31
CA VAL B 266 -23.22 -21.38 2.94
C VAL B 266 -23.77 -21.96 4.24
N VAL B 267 -23.37 -23.20 4.51
CA VAL B 267 -23.89 -24.01 5.61
C VAL B 267 -23.33 -23.60 6.97
N GLU B 268 -22.01 -23.74 7.17
CA GLU B 268 -21.37 -23.50 8.47
C GLU B 268 -21.68 -22.13 9.07
N LYS B 269 -21.72 -21.09 8.25
CA LYS B 269 -22.02 -19.70 8.62
C LYS B 269 -21.00 -19.10 9.59
N ASP B 270 -19.86 -19.76 9.72
CA ASP B 270 -18.74 -19.32 10.52
C ASP B 270 -17.58 -19.06 9.57
N ALA B 271 -17.78 -19.48 8.32
CA ALA B 271 -16.90 -19.41 7.17
C ALA B 271 -17.82 -19.74 6.00
N VAL B 272 -17.86 -18.89 4.97
CA VAL B 272 -18.78 -19.03 3.85
C VAL B 272 -18.07 -19.03 2.50
N PHE B 273 -18.59 -19.82 1.55
CA PHE B 273 -18.07 -19.87 0.19
C PHE B 273 -19.21 -19.78 -0.79
N ILE B 274 -19.28 -18.66 -1.49
CA ILE B 274 -20.35 -18.47 -2.46
C ILE B 274 -19.76 -18.44 -3.86
N PRO B 275 -19.84 -19.51 -4.62
CA PRO B 275 -19.40 -19.45 -6.01
C PRO B 275 -20.48 -18.72 -6.76
N ALA B 276 -20.12 -18.22 -7.94
CA ALA B 276 -21.06 -17.48 -8.75
C ALA B 276 -22.19 -18.39 -9.22
N GLY B 277 -23.42 -17.88 -9.15
CA GLY B 277 -24.57 -18.64 -9.57
C GLY B 277 -25.23 -19.48 -8.52
N TRP B 278 -24.85 -19.31 -7.26
CA TRP B 278 -25.45 -20.05 -6.17
C TRP B 278 -26.38 -19.14 -5.40
N ASP B 279 -26.86 -18.12 -6.09
CA ASP B 279 -27.69 -17.04 -5.60
C ASP B 279 -29.10 -17.07 -6.16
N ASN B 280 -29.84 -16.11 -5.66
CA ASN B 280 -31.19 -15.68 -5.97
C ASN B 280 -31.31 -14.38 -5.21
N GLU B 281 -32.52 -13.90 -5.06
CA GLU B 281 -32.78 -12.71 -4.27
C GLU B 281 -33.79 -13.01 -3.18
N LYS B 282 -33.97 -14.31 -2.86
CA LYS B 282 -34.92 -14.81 -1.88
C LYS B 282 -34.31 -15.61 -0.75
N LYS B 283 -33.31 -16.49 -1.02
CA LYS B 283 -32.67 -17.26 0.05
C LYS B 283 -32.08 -16.30 1.06
N ILE B 284 -31.36 -15.31 0.55
CA ILE B 284 -30.76 -14.24 1.32
C ILE B 284 -31.84 -13.39 1.97
N ALA B 285 -33.01 -13.28 1.32
CA ALA B 285 -34.10 -12.50 1.90
C ALA B 285 -34.63 -13.17 3.14
N ILE B 286 -34.68 -14.51 3.12
CA ILE B 286 -35.11 -15.25 4.30
C ILE B 286 -34.02 -15.15 5.35
N LEU B 287 -32.76 -15.06 4.91
CA LEU B 287 -31.65 -14.95 5.87
C LEU B 287 -31.68 -13.62 6.62
N HIS B 288 -31.96 -12.51 5.94
CA HIS B 288 -32.02 -11.24 6.66
C HIS B 288 -33.44 -10.95 7.19
N GLU B 289 -34.26 -12.00 7.31
CA GLU B 289 -35.61 -11.97 7.83
C GLU B 289 -35.71 -12.58 9.22
N ASN B 290 -34.87 -13.59 9.49
CA ASN B 290 -34.85 -14.36 10.73
C ASN B 290 -34.35 -13.48 11.87
N PHE B 291 -35.26 -12.59 12.31
CA PHE B 291 -35.15 -11.56 13.36
C PHE B 291 -34.24 -10.42 12.93
N THR B 292 -33.48 -10.61 11.84
CA THR B 292 -32.64 -9.56 11.31
C THR B 292 -33.60 -8.50 10.86
N THR B 293 -33.40 -7.28 11.41
CA THR B 293 -34.18 -6.08 11.17
C THR B 293 -34.25 -6.08 9.67
N VAL B 294 -35.44 -6.32 9.14
CA VAL B 294 -35.63 -6.53 7.71
C VAL B 294 -35.21 -5.32 6.90
N LYS B 295 -34.17 -5.51 6.09
CA LYS B 295 -33.48 -4.64 5.15
C LYS B 295 -33.34 -3.24 5.73
N PRO B 296 -32.50 -3.04 6.73
CA PRO B 296 -32.38 -1.70 7.30
C PRO B 296 -31.38 -0.90 6.49
N GLU B 297 -31.71 0.33 6.13
CA GLU B 297 -30.75 1.08 5.34
C GLU B 297 -30.08 2.18 6.15
N ASP B 298 -29.86 1.87 7.43
CA ASP B 298 -29.15 2.72 8.38
C ASP B 298 -28.21 1.91 9.28
N ALA B 299 -28.42 0.59 9.42
CA ALA B 299 -27.64 -0.35 10.24
C ALA B 299 -26.19 -0.50 9.79
N TYR B 300 -25.88 0.22 8.72
CA TYR B 300 -24.51 0.36 8.27
C TYR B 300 -23.78 1.06 9.38
N GLU B 301 -24.50 1.97 10.05
CA GLU B 301 -24.00 2.62 11.24
C GLU B 301 -23.98 1.67 12.44
N ASP B 302 -24.82 0.62 12.49
CA ASP B 302 -24.78 -0.35 13.60
C ASP B 302 -23.41 -1.01 13.65
N PHE B 303 -23.06 -1.70 12.58
CA PHE B 303 -21.71 -2.28 12.63
C PHE B 303 -20.66 -1.22 12.28
N ILE B 304 -21.08 -0.01 11.88
CA ILE B 304 -20.21 1.10 11.60
C ILE B 304 -20.36 2.06 12.74
N VAL B 305 -20.56 1.48 13.91
CA VAL B 305 -20.68 2.23 15.13
C VAL B 305 -20.14 1.46 16.27
N LYS B 306 -20.11 0.13 16.21
CA LYS B 306 -19.56 -0.54 17.39
C LYS B 306 -17.98 -0.36 17.40
N PRO B 307 -17.11 -1.09 16.61
CA PRO B 307 -15.76 -0.55 16.86
C PRO B 307 -15.30 0.71 16.05
N PRO B 308 -16.02 1.23 15.01
CA PRO B 308 -15.37 2.44 14.50
C PRO B 308 -15.81 3.67 15.25
N VAL B 309 -16.97 3.58 15.89
CA VAL B 309 -17.45 4.67 16.68
C VAL B 309 -17.35 4.11 18.08
N ARG B 310 -16.20 3.53 18.35
CA ARG B 310 -15.89 2.97 19.64
C ARG B 310 -15.51 4.16 20.50
N LYS B 311 -14.29 4.64 20.27
CA LYS B 311 -13.69 5.80 20.95
C LYS B 311 -12.29 6.02 20.42
N LEU B 312 -11.62 6.98 21.02
CA LEU B 312 -10.25 7.31 20.67
C LEU B 312 -9.41 7.28 21.94
N VAL B 313 -8.61 6.24 22.11
CA VAL B 313 -7.77 6.09 23.29
C VAL B 313 -6.62 7.08 23.25
N HIS B 314 -5.76 6.90 22.27
CA HIS B 314 -4.61 7.77 22.13
C HIS B 314 -5.00 8.93 21.22
N ASP B 315 -5.42 10.02 21.84
CA ASP B 315 -5.80 11.25 21.16
C ASP B 315 -5.25 12.37 22.01
N LYS B 316 -4.64 13.38 21.40
CA LYS B 316 -4.07 14.47 22.18
C LYS B 316 -4.54 15.85 21.74
N GLU B 317 -5.77 15.95 21.26
CA GLU B 317 -6.32 17.22 20.82
C GLU B 317 -6.65 18.08 22.03
N LEU B 318 -5.64 18.67 22.66
CA LEU B 318 -5.88 19.46 23.86
C LEU B 318 -5.84 20.98 23.73
N ALA B 319 -4.89 21.51 22.94
CA ALA B 319 -4.65 22.95 22.78
C ALA B 319 -4.42 23.54 24.16
N ALA B 320 -3.61 22.81 24.94
CA ALA B 320 -3.33 22.99 26.35
C ALA B 320 -3.18 24.39 26.91
N GLU B 321 -2.08 25.10 26.62
CA GLU B 321 -1.91 26.45 27.16
C GLU B 321 -0.78 27.19 26.46
N ASP B 322 -0.90 28.52 26.50
CA ASP B 322 -0.05 29.55 25.94
C ASP B 322 -0.54 30.90 26.47
N GLU B 323 0.40 31.80 26.80
CA GLU B 323 0.04 33.11 27.35
C GLU B 323 0.90 34.21 26.72
N GLN B 324 0.70 35.45 27.18
CA GLN B 324 1.38 36.63 26.69
C GLN B 324 2.25 37.29 27.76
N VAL B 325 2.77 38.48 27.44
CA VAL B 325 3.64 39.22 28.36
C VAL B 325 3.11 40.61 28.67
N PHE B 326 3.13 41.45 27.64
CA PHE B 326 2.67 42.83 27.73
C PHE B 326 1.22 42.89 28.15
N LEU B 327 0.43 41.97 27.59
CA LEU B 327 -0.99 41.84 27.84
C LEU B 327 -1.26 41.63 29.33
N MET B 328 -0.59 40.65 29.90
CA MET B 328 -0.73 40.31 31.32
C MET B 328 -0.30 41.49 32.18
N LYS B 329 0.75 42.18 31.75
CA LYS B 329 1.27 43.32 32.48
C LYS B 329 0.25 44.46 32.57
N GLN B 330 -0.28 44.90 31.43
CA GLN B 330 -1.27 45.98 31.50
C GLN B 330 -2.61 45.51 32.07
N GLN B 331 -2.89 44.21 32.00
CA GLN B 331 -4.13 43.74 32.57
C GLN B 331 -4.02 43.80 34.07
N SER B 332 -2.80 43.57 34.58
CA SER B 332 -2.55 43.73 35.99
C SER B 332 -2.56 45.22 36.33
N LEU B 333 -2.23 46.07 35.36
CA LEU B 333 -2.31 47.52 35.59
C LEU B 333 -3.75 47.92 35.82
N LEU B 334 -4.67 47.34 35.03
CA LEU B 334 -6.08 47.61 35.24
C LEU B 334 -6.52 46.99 36.55
N ALA B 335 -5.86 45.91 36.96
CA ALA B 335 -6.14 45.27 38.23
C ALA B 335 -5.49 46.01 39.40
N LYS B 336 -4.68 47.03 39.12
CA LYS B 336 -4.04 47.79 40.19
C LYS B 336 -4.98 48.81 40.83
N GLN B 337 -6.01 49.23 40.07
CA GLN B 337 -7.05 50.18 40.49
C GLN B 337 -6.44 51.52 40.87
#